data_5Q25
#
_entry.id   5Q25
#
_cell.length_a   51.803
_cell.length_b   56.833
_cell.length_c   114.683
_cell.angle_alpha   90.000
_cell.angle_beta   90.000
_cell.angle_gamma   90.000
#
_symmetry.space_group_name_H-M   'P 21 21 21'
#
loop_
_entity.id
_entity.type
_entity.pdbx_description
1 polymer 'DNA cross-link repair 1A protein'
2 non-polymer 'MALONATE ION'
3 non-polymer 'NICKEL (II) ION'
4 non-polymer 1~{H}-indol-6-yl-(4-methylpiperazin-1-yl)methanone
5 water water
#
_entity_poly.entity_id   1
_entity_poly.type   'polypeptide(L)'
_entity_poly.pdbx_seq_one_letter_code
;KKTCPFYKKIPGTGFTVDAFQYGVVEGCTAYFLTHFHSDHYAGLSKHFTFPVYCSEITGNLLKNKLHVQEQYIHPLPLDT
ECIVNGVKVVLLDANHCPGAVMILFYLPNGTVILHTGDFRADPSMERSLLADQKVHMLYLDTTYCSPEYTFPSQQEVIRF
AINTAFEAVTLNPHALVVCGTYSIGKEKVFLAIADVLGSKVGMSQEKYKTLQCLNIPEINSLITTDMCSSLVHLLPMMQI
NFKGLQSHLKKCGGKYNQILAFRPTGWTHSNKFTRIADVIPQTKGNISIYGIPYSEHSSYLEMKRFVQWLKPQKIIPTVN
VGTWKSRSTMEKYFREWKLEAGY
;
_entity_poly.pdbx_strand_id   A
#
# COMPACT_ATOMS: atom_id res chain seq x y z
N THR A 3 -5.73 -16.64 -18.81
CA THR A 3 -5.64 -17.78 -17.83
C THR A 3 -5.04 -17.40 -16.47
N CYS A 4 -5.72 -17.78 -15.41
CA CYS A 4 -5.30 -17.46 -14.06
C CYS A 4 -4.00 -18.19 -13.69
N PRO A 5 -2.96 -17.47 -13.23
CA PRO A 5 -1.71 -18.14 -12.84
C PRO A 5 -1.82 -18.95 -11.52
N PHE A 6 -0.98 -19.98 -11.39
CA PHE A 6 -1.07 -20.93 -10.28
C PHE A 6 -0.93 -20.26 -8.92
N TYR A 7 -0.10 -19.20 -8.86
CA TYR A 7 0.18 -18.51 -7.58
C TYR A 7 -0.97 -17.61 -7.08
N LYS A 8 -2.08 -17.53 -7.83
CA LYS A 8 -3.30 -16.86 -7.38
C LYS A 8 -4.40 -17.84 -7.00
N LYS A 9 -4.08 -19.14 -7.00
CA LYS A 9 -5.01 -20.17 -6.62
C LYS A 9 -4.61 -20.75 -5.26
N ILE A 10 -5.62 -21.03 -4.43
CA ILE A 10 -5.39 -21.65 -3.12
C ILE A 10 -5.77 -23.15 -3.20
N PRO A 11 -4.79 -24.06 -3.11
CA PRO A 11 -5.09 -25.49 -3.32
C PRO A 11 -6.00 -26.07 -2.24
N GLY A 12 -6.89 -26.97 -2.63
CA GLY A 12 -7.81 -27.62 -1.70
C GLY A 12 -9.04 -26.82 -1.33
N THR A 13 -9.23 -25.69 -2.03
CA THR A 13 -10.34 -24.79 -1.82
C THR A 13 -10.91 -24.41 -3.19
N GLY A 14 -12.05 -23.74 -3.17
CA GLY A 14 -12.56 -23.06 -4.36
C GLY A 14 -12.10 -21.62 -4.46
N PHE A 15 -10.97 -21.25 -3.86
CA PHE A 15 -10.64 -19.83 -3.70
C PHE A 15 -9.52 -19.33 -4.63
N THR A 16 -9.68 -18.09 -5.10
CA THR A 16 -8.57 -17.33 -5.71
C THR A 16 -8.34 -16.04 -4.92
N VAL A 17 -7.16 -15.47 -5.11
CA VAL A 17 -6.73 -14.22 -4.47
C VAL A 17 -6.27 -13.23 -5.56
N ASP A 18 -6.87 -12.04 -5.58
CA ASP A 18 -6.52 -10.96 -6.52
C ASP A 18 -6.52 -11.42 -8.00
N ALA A 19 -7.61 -12.11 -8.37
CA ALA A 19 -7.73 -12.78 -9.66
C ALA A 19 -9.05 -12.39 -10.39
N PHE A 20 -9.17 -11.11 -10.74
CA PHE A 20 -10.41 -10.57 -11.32
C PHE A 20 -10.30 -10.23 -12.82
N GLN A 21 -9.13 -10.46 -13.42
CA GLN A 21 -8.85 -10.06 -14.83
C GLN A 21 -8.77 -11.24 -15.82
N TYR A 22 -9.28 -12.40 -15.41
CA TYR A 22 -9.16 -13.65 -16.18
C TYR A 22 -10.51 -14.22 -16.62
N GLY A 23 -11.55 -13.40 -16.58
CA GLY A 23 -12.92 -13.89 -16.74
C GLY A 23 -13.35 -14.82 -15.61
N VAL A 24 -14.27 -15.73 -15.91
CA VAL A 24 -14.75 -16.72 -14.94
C VAL A 24 -13.68 -17.80 -14.78
N VAL A 25 -13.14 -17.93 -13.57
CA VAL A 25 -12.07 -18.89 -13.31
C VAL A 25 -12.72 -20.21 -12.96
N GLU A 26 -12.38 -21.26 -13.70
CA GLU A 26 -13.00 -22.58 -13.57
C GLU A 26 -12.79 -23.11 -12.16
N GLY A 27 -13.89 -23.39 -11.48
CA GLY A 27 -13.88 -23.96 -10.14
C GLY A 27 -13.83 -22.95 -8.99
N CYS A 28 -13.83 -21.64 -9.29
CA CYS A 28 -13.74 -20.64 -8.23
C CYS A 28 -15.12 -20.29 -7.68
N THR A 29 -15.32 -20.58 -6.39
CA THR A 29 -16.58 -20.34 -5.68
C THR A 29 -16.57 -19.02 -4.87
N ALA A 30 -15.38 -18.48 -4.61
CA ALA A 30 -15.24 -17.22 -3.89
C ALA A 30 -13.92 -16.54 -4.29
N TYR A 31 -14.02 -15.25 -4.61
CA TYR A 31 -12.88 -14.40 -5.01
C TYR A 31 -12.48 -13.48 -3.84
N PHE A 32 -11.26 -13.65 -3.35
CA PHE A 32 -10.72 -12.75 -2.31
C PHE A 32 -9.97 -11.58 -2.95
N LEU A 33 -10.12 -10.38 -2.35
CA LEU A 33 -9.40 -9.18 -2.76
C LEU A 33 -8.63 -8.63 -1.53
N THR A 34 -7.30 -8.63 -1.61
CA THR A 34 -6.46 -8.23 -0.48
C THR A 34 -6.50 -6.72 -0.21
N HIS A 35 -6.58 -5.90 -1.27
CA HIS A 35 -6.53 -4.44 -1.13
C HIS A 35 -6.96 -3.74 -2.42
N PHE A 36 -7.34 -2.48 -2.29
CA PHE A 36 -7.84 -1.67 -3.42
C PHE A 36 -6.69 -0.95 -4.16
N HIS A 37 -5.82 -1.72 -4.80
CA HIS A 37 -4.84 -1.19 -5.77
C HIS A 37 -5.12 -1.84 -7.14
N SER A 38 -4.99 -1.04 -8.21
CA SER A 38 -5.51 -1.42 -9.53
C SER A 38 -4.89 -2.70 -10.11
N ASP A 39 -3.61 -2.98 -9.83
CA ASP A 39 -3.02 -4.26 -10.34
C ASP A 39 -3.72 -5.47 -9.74
N HIS A 40 -4.33 -5.29 -8.56
CA HIS A 40 -5.01 -6.36 -7.82
C HIS A 40 -6.52 -6.45 -8.08
N TYR A 41 -7.20 -5.30 -8.22
CA TYR A 41 -8.65 -5.30 -8.50
C TYR A 41 -9.02 -5.34 -9.99
N ALA A 42 -8.02 -5.20 -10.87
CA ALA A 42 -8.25 -5.13 -12.33
C ALA A 42 -9.29 -6.16 -12.78
N GLY A 43 -10.41 -5.68 -13.34
CA GLY A 43 -11.52 -6.53 -13.77
C GLY A 43 -12.85 -6.36 -13.06
N LEU A 44 -12.86 -5.93 -11.80
CA LEU A 44 -14.12 -5.70 -11.05
C LEU A 44 -14.92 -4.48 -11.55
N SER A 45 -16.26 -4.61 -11.57
CA SER A 45 -17.21 -3.57 -12.00
C SER A 45 -18.63 -3.84 -11.44
N LYS A 46 -19.60 -2.97 -11.77
CA LYS A 46 -21.02 -3.20 -11.39
C LYS A 46 -21.63 -4.50 -11.94
N HIS A 47 -20.99 -5.09 -12.94
CA HIS A 47 -21.47 -6.32 -13.59
C HIS A 47 -20.89 -7.62 -13.02
N PHE A 48 -20.01 -7.51 -12.02
CA PHE A 48 -19.44 -8.69 -11.37
C PHE A 48 -20.53 -9.31 -10.46
N THR A 49 -20.81 -10.61 -10.64
CA THR A 49 -21.86 -11.31 -9.88
C THR A 49 -21.42 -12.60 -9.18
N PHE A 50 -20.14 -12.67 -8.77
CA PHE A 50 -19.66 -13.70 -7.83
C PHE A 50 -19.35 -13.07 -6.47
N PRO A 51 -19.35 -13.87 -5.39
CA PRO A 51 -19.04 -13.33 -4.05
C PRO A 51 -17.58 -12.82 -3.96
N VAL A 52 -17.42 -11.62 -3.43
CA VAL A 52 -16.10 -11.02 -3.21
C VAL A 52 -15.92 -10.89 -1.71
N TYR A 53 -14.82 -11.44 -1.21
CA TYR A 53 -14.47 -11.36 0.21
C TYR A 53 -13.29 -10.42 0.41
N CYS A 54 -13.43 -9.52 1.38
CA CYS A 54 -12.46 -8.42 1.58
C CYS A 54 -12.68 -7.75 2.93
N SER A 55 -11.84 -6.76 3.27
CA SER A 55 -12.05 -5.95 4.49
C SER A 55 -13.24 -4.99 4.32
N GLU A 56 -13.69 -4.40 5.43
CA GLU A 56 -14.74 -3.36 5.41
C GLU A 56 -14.34 -2.15 4.52
N ILE A 57 -13.11 -1.66 4.71
CA ILE A 57 -12.64 -0.51 3.92
C ILE A 57 -12.58 -0.82 2.43
N THR A 58 -12.02 -1.98 2.07
CA THR A 58 -12.03 -2.41 0.68
C THR A 58 -13.46 -2.51 0.12
N GLY A 59 -14.39 -3.04 0.92
CA GLY A 59 -15.80 -3.11 0.50
C GLY A 59 -16.45 -1.75 0.24
N ASN A 60 -16.09 -0.74 1.05
CA ASN A 60 -16.60 0.63 0.87
C ASN A 60 -16.14 1.18 -0.49
N LEU A 61 -14.87 0.91 -0.83
CA LEU A 61 -14.30 1.36 -2.11
C LEU A 61 -14.89 0.62 -3.31
N LEU A 62 -15.12 -0.68 -3.17
CA LEU A 62 -15.83 -1.45 -4.22
C LEU A 62 -17.23 -0.90 -4.52
N LYS A 63 -18.00 -0.63 -3.48
CA LYS A 63 -19.38 -0.12 -3.59
C LYS A 63 -19.40 1.26 -4.21
N ASN A 64 -18.54 2.17 -3.72
CA ASN A 64 -18.65 3.58 -4.11
C ASN A 64 -17.80 4.00 -5.31
N LYS A 65 -16.63 3.39 -5.48
CA LYS A 65 -15.75 3.78 -6.59
C LYS A 65 -15.92 2.91 -7.83
N LEU A 66 -16.09 1.59 -7.66
CA LEU A 66 -16.32 0.66 -8.80
C LEU A 66 -17.79 0.29 -9.04
N HIS A 67 -18.68 0.71 -8.13
N HIS A 67 -18.68 0.70 -8.14
CA HIS A 67 -20.12 0.43 -8.18
CA HIS A 67 -20.11 0.47 -8.28
C HIS A 67 -20.51 -1.03 -8.21
C HIS A 67 -20.52 -1.02 -8.22
N VAL A 68 -19.75 -1.84 -7.48
CA VAL A 68 -20.08 -3.26 -7.29
C VAL A 68 -21.34 -3.33 -6.44
N GLN A 69 -22.28 -4.18 -6.82
CA GLN A 69 -23.54 -4.29 -6.11
C GLN A 69 -23.34 -4.90 -4.73
N GLU A 70 -24.03 -4.31 -3.76
CA GLU A 70 -23.92 -4.64 -2.34
C GLU A 70 -24.14 -6.12 -2.02
N GLN A 71 -25.07 -6.75 -2.73
CA GLN A 71 -25.38 -8.18 -2.54
C GLN A 71 -24.20 -9.17 -2.77
N TYR A 72 -23.17 -8.74 -3.53
CA TYR A 72 -21.98 -9.57 -3.78
C TYR A 72 -20.75 -9.20 -2.96
N ILE A 73 -20.82 -8.11 -2.19
CA ILE A 73 -19.71 -7.70 -1.33
C ILE A 73 -19.87 -8.34 0.06
N HIS A 74 -18.85 -9.10 0.46
CA HIS A 74 -18.81 -9.79 1.75
C HIS A 74 -17.64 -9.28 2.62
N PRO A 75 -17.85 -8.17 3.36
CA PRO A 75 -16.81 -7.69 4.24
C PRO A 75 -16.65 -8.58 5.46
N LEU A 76 -15.41 -8.80 5.88
CA LEU A 76 -15.12 -9.54 7.11
C LEU A 76 -14.35 -8.67 8.07
N PRO A 77 -14.66 -8.80 9.38
CA PRO A 77 -13.87 -8.13 10.41
C PRO A 77 -12.43 -8.67 10.47
N LEU A 78 -11.49 -7.84 10.93
CA LEU A 78 -10.13 -8.29 11.16
C LEU A 78 -10.02 -9.09 12.45
N ASP A 79 -8.96 -9.90 12.51
CA ASP A 79 -8.56 -10.62 13.71
C ASP A 79 -9.65 -11.55 14.27
N THR A 80 -10.50 -12.07 13.39
CA THR A 80 -11.70 -12.83 13.76
C THR A 80 -11.81 -14.11 12.90
N GLU A 81 -11.91 -15.28 13.55
CA GLU A 81 -12.11 -16.53 12.80
C GLU A 81 -13.50 -16.51 12.13
N CYS A 82 -13.53 -16.68 10.80
CA CYS A 82 -14.77 -16.69 10.00
C CYS A 82 -14.82 -17.97 9.16
N ILE A 83 -16.04 -18.47 8.88
CA ILE A 83 -16.20 -19.62 7.97
C ILE A 83 -16.73 -19.14 6.61
N VAL A 84 -15.97 -19.43 5.55
CA VAL A 84 -16.34 -19.12 4.16
C VAL A 84 -16.38 -20.42 3.33
N ASN A 85 -17.56 -20.73 2.78
CA ASN A 85 -17.76 -21.97 1.98
C ASN A 85 -17.11 -23.19 2.64
N GLY A 86 -17.37 -23.34 3.93
CA GLY A 86 -16.88 -24.45 4.72
C GLY A 86 -15.42 -24.46 5.15
N VAL A 87 -14.70 -23.37 4.93
CA VAL A 87 -13.28 -23.24 5.29
C VAL A 87 -13.06 -22.06 6.27
N LYS A 88 -12.33 -22.31 7.36
CA LYS A 88 -11.96 -21.25 8.32
C LYS A 88 -10.90 -20.31 7.74
N VAL A 89 -11.17 -19.00 7.79
CA VAL A 89 -10.27 -17.93 7.35
C VAL A 89 -10.17 -16.81 8.41
N VAL A 90 -9.05 -16.10 8.36
CA VAL A 90 -8.82 -14.92 9.22
C VAL A 90 -8.15 -13.85 8.34
N LEU A 91 -8.62 -12.62 8.47
CA LEU A 91 -7.97 -11.46 7.87
C LEU A 91 -7.12 -10.73 8.91
N LEU A 92 -5.90 -10.40 8.51
CA LEU A 92 -4.93 -9.70 9.37
C LEU A 92 -4.48 -8.40 8.73
N ASP A 93 -4.19 -7.37 9.53
CA ASP A 93 -3.68 -6.12 8.93
C ASP A 93 -2.33 -6.33 8.23
N ALA A 94 -2.24 -5.86 6.97
CA ALA A 94 -1.00 -6.03 6.17
C ALA A 94 0.05 -4.88 6.33
N ASN A 95 -0.29 -3.82 7.06
CA ASN A 95 0.58 -2.64 7.13
C ASN A 95 1.00 -2.18 5.72
N HIS A 96 0.00 -2.09 4.81
CA HIS A 96 0.22 -1.61 3.43
C HIS A 96 -0.56 -0.28 3.29
N CYS A 97 -1.63 -0.23 2.51
CA CYS A 97 -2.52 0.92 2.38
C CYS A 97 -3.80 0.67 3.23
N PRO A 98 -4.65 1.70 3.39
CA PRO A 98 -5.88 1.47 4.16
C PRO A 98 -6.72 0.30 3.60
N GLY A 99 -7.17 -0.56 4.50
CA GLY A 99 -7.99 -1.72 4.16
C GLY A 99 -7.26 -2.96 3.67
N ALA A 100 -5.93 -2.87 3.54
CA ALA A 100 -5.12 -4.00 3.05
C ALA A 100 -4.97 -5.07 4.10
N VAL A 101 -5.16 -6.31 3.67
CA VAL A 101 -5.08 -7.48 4.55
C VAL A 101 -4.17 -8.59 4.06
N MET A 102 -3.68 -9.39 5.01
CA MET A 102 -3.16 -10.75 4.77
C MET A 102 -4.29 -11.74 5.07
N ILE A 103 -4.26 -12.92 4.45
CA ILE A 103 -5.32 -13.95 4.65
C ILE A 103 -4.74 -15.27 5.12
N LEU A 104 -5.24 -15.77 6.25
CA LEU A 104 -4.88 -17.11 6.75
C LEU A 104 -6.00 -18.07 6.36
N PHE A 105 -5.63 -19.17 5.69
CA PHE A 105 -6.57 -20.24 5.31
C PHE A 105 -6.22 -21.52 6.04
N TYR A 106 -7.21 -22.09 6.74
CA TYR A 106 -7.04 -23.34 7.48
C TYR A 106 -7.71 -24.44 6.65
N LEU A 107 -6.92 -25.18 5.88
CA LEU A 107 -7.48 -26.16 4.93
C LEU A 107 -8.09 -27.34 5.69
N PRO A 108 -9.15 -27.97 5.10
CA PRO A 108 -9.78 -29.11 5.73
C PRO A 108 -8.81 -30.23 6.11
N ASN A 109 -7.77 -30.44 5.31
CA ASN A 109 -6.77 -31.49 5.58
C ASN A 109 -5.71 -31.17 6.66
N GLY A 110 -5.76 -29.99 7.30
CA GLY A 110 -4.80 -29.57 8.35
C GLY A 110 -3.67 -28.63 7.90
N THR A 111 -3.54 -28.45 6.59
CA THR A 111 -2.58 -27.50 6.03
C THR A 111 -3.01 -26.07 6.38
N VAL A 112 -2.04 -25.20 6.67
CA VAL A 112 -2.31 -23.78 6.97
C VAL A 112 -1.50 -22.95 5.98
N ILE A 113 -2.18 -22.01 5.32
CA ILE A 113 -1.60 -21.15 4.27
C ILE A 113 -1.78 -19.70 4.70
N LEU A 114 -0.69 -18.93 4.62
CA LEU A 114 -0.74 -17.47 4.77
C LEU A 114 -0.46 -16.81 3.43
N HIS A 115 -1.37 -15.94 2.98
CA HIS A 115 -1.17 -15.12 1.78
C HIS A 115 -0.98 -13.67 2.27
N THR A 116 0.19 -13.08 2.03
CA THR A 116 0.48 -11.77 2.64
C THR A 116 -0.21 -10.58 1.89
N GLY A 117 -0.81 -10.83 0.72
CA GLY A 117 -1.17 -9.77 -0.20
C GLY A 117 0.06 -8.91 -0.46
N ASP A 118 -0.13 -7.60 -0.56
CA ASP A 118 0.99 -6.65 -0.44
C ASP A 118 1.15 -6.28 1.06
N PHE A 119 2.38 -6.27 1.57
CA PHE A 119 2.61 -5.95 3.00
C PHE A 119 3.95 -5.25 3.24
N ARG A 120 4.03 -4.54 4.36
CA ARG A 120 5.30 -4.10 4.94
C ARG A 120 5.48 -4.81 6.29
N ALA A 121 6.29 -5.86 6.27
CA ALA A 121 6.52 -6.67 7.46
C ALA A 121 6.97 -5.82 8.64
N ASP A 122 6.44 -6.17 9.82
CA ASP A 122 6.76 -5.44 11.08
C ASP A 122 6.80 -6.44 12.22
N PRO A 123 7.67 -6.22 13.23
CA PRO A 123 7.68 -7.10 14.44
C PRO A 123 6.34 -7.23 15.15
N SER A 124 5.47 -6.20 15.06
CA SER A 124 4.13 -6.27 15.64
C SER A 124 3.29 -7.44 15.11
N MET A 125 3.59 -7.91 13.88
CA MET A 125 2.91 -9.09 13.32
C MET A 125 3.23 -10.41 14.06
N GLU A 126 4.32 -10.42 14.81
CA GLU A 126 4.77 -11.60 15.55
C GLU A 126 3.88 -11.82 16.80
N ARG A 127 2.98 -10.86 17.10
CA ARG A 127 1.96 -10.94 18.16
C ARG A 127 0.50 -10.80 17.72
N SER A 128 0.24 -11.05 16.46
CA SER A 128 -1.12 -11.24 15.97
C SER A 128 -1.55 -12.70 16.24
N LEU A 129 -2.69 -13.11 15.69
CA LEU A 129 -3.08 -14.53 15.66
C LEU A 129 -2.06 -15.48 14.97
N LEU A 130 -1.05 -14.96 14.24
CA LEU A 130 0.06 -15.80 13.73
C LEU A 130 0.94 -16.40 14.82
N ALA A 131 0.89 -15.80 16.01
CA ALA A 131 1.89 -16.01 17.10
C ALA A 131 2.42 -17.41 17.28
N ASP A 132 1.54 -18.39 17.51
CA ASP A 132 2.00 -19.76 17.66
C ASP A 132 1.31 -20.67 16.66
N GLN A 133 1.17 -20.14 15.45
CA GLN A 133 0.44 -20.78 14.38
C GLN A 133 1.48 -21.38 13.47
N LYS A 134 1.44 -22.70 13.26
CA LYS A 134 2.29 -23.29 12.24
C LYS A 134 1.70 -22.96 10.86
N VAL A 135 2.55 -22.47 9.95
CA VAL A 135 2.19 -22.16 8.57
C VAL A 135 2.98 -23.05 7.62
N HIS A 136 2.29 -23.80 6.79
CA HIS A 136 2.95 -24.74 5.86
C HIS A 136 3.37 -24.07 4.56
N MET A 137 2.52 -23.19 4.02
CA MET A 137 2.80 -22.48 2.76
C MET A 137 2.58 -20.97 2.94
N LEU A 138 3.55 -20.19 2.43
CA LEU A 138 3.55 -18.73 2.49
C LEU A 138 3.58 -18.15 1.07
N TYR A 139 2.51 -17.42 0.69
CA TYR A 139 2.44 -16.73 -0.60
C TYR A 139 2.91 -15.29 -0.33
N LEU A 140 4.14 -14.98 -0.75
CA LEU A 140 4.92 -13.85 -0.21
C LEU A 140 5.06 -12.66 -1.15
N ASP A 141 4.74 -11.47 -0.66
CA ASP A 141 5.05 -10.19 -1.39
C ASP A 141 6.56 -9.99 -1.38
N THR A 142 7.17 -10.32 -2.53
CA THR A 142 8.62 -10.26 -2.72
C THR A 142 9.11 -9.02 -3.51
N THR A 143 8.31 -7.95 -3.52
CA THR A 143 8.62 -6.72 -4.27
C THR A 143 10.10 -6.28 -4.15
N TYR A 144 10.62 -6.21 -2.91
CA TYR A 144 11.98 -5.74 -2.64
C TYR A 144 12.90 -6.83 -2.09
N CYS A 145 12.78 -8.04 -2.64
CA CYS A 145 13.58 -9.21 -2.20
C CYS A 145 15.00 -9.24 -2.78
N SER A 146 15.81 -8.26 -2.34
CA SER A 146 17.25 -8.18 -2.65
C SER A 146 17.90 -7.20 -1.68
N PRO A 147 19.11 -7.51 -1.17
CA PRO A 147 19.70 -6.70 -0.10
C PRO A 147 20.01 -5.22 -0.43
N GLU A 148 20.07 -4.85 -1.72
CA GLU A 148 20.24 -3.44 -2.08
C GLU A 148 19.04 -2.56 -1.67
N TYR A 149 17.89 -3.18 -1.42
CA TYR A 149 16.68 -2.45 -1.08
C TYR A 149 16.62 -2.15 0.41
N THR A 150 17.17 -0.98 0.75
CA THR A 150 17.11 -0.42 2.10
C THR A 150 16.31 0.89 2.00
N PHE A 151 15.55 1.17 3.04
CA PHE A 151 14.97 2.49 3.19
C PHE A 151 14.67 2.76 4.68
N PRO A 152 14.42 4.04 5.02
CA PRO A 152 14.17 4.38 6.41
C PRO A 152 12.80 3.94 6.93
N SER A 153 12.60 4.04 8.24
CA SER A 153 11.26 3.83 8.78
C SER A 153 10.31 4.91 8.24
N GLN A 154 9.03 4.58 8.19
CA GLN A 154 8.00 5.57 7.86
C GLN A 154 8.05 6.77 8.83
N GLN A 155 8.26 6.50 10.13
CA GLN A 155 8.37 7.60 11.14
C GLN A 155 9.49 8.60 10.78
N GLU A 156 10.68 8.11 10.40
CA GLU A 156 11.82 8.99 10.05
C GLU A 156 11.50 9.85 8.82
N VAL A 157 10.82 9.25 7.84
CA VAL A 157 10.48 9.96 6.60
C VAL A 157 9.43 11.07 6.87
N ILE A 158 8.45 10.77 7.70
CA ILE A 158 7.44 11.77 8.11
C ILE A 158 8.08 12.90 8.89
N ARG A 159 8.98 12.58 9.83
CA ARG A 159 9.71 13.62 10.56
C ARG A 159 10.42 14.59 9.60
N PHE A 160 11.11 14.04 8.60
CA PHE A 160 11.76 14.87 7.59
C PHE A 160 10.77 15.76 6.83
N ALA A 161 9.65 15.18 6.39
CA ALA A 161 8.63 15.95 5.67
C ALA A 161 8.02 17.10 6.47
N ILE A 162 7.61 16.81 7.71
CA ILE A 162 7.04 17.81 8.62
C ILE A 162 8.01 18.95 8.83
N ASN A 163 9.25 18.61 9.18
CA ASN A 163 10.24 19.63 9.53
C ASN A 163 10.56 20.52 8.30
N THR A 164 10.70 19.88 7.13
CA THR A 164 10.95 20.57 5.86
C THR A 164 9.82 21.55 5.48
N ALA A 165 8.59 21.08 5.52
CA ALA A 165 7.43 21.93 5.21
C ALA A 165 7.25 23.08 6.22
N PHE A 166 7.36 22.77 7.52
CA PHE A 166 7.19 23.80 8.53
C PHE A 166 8.24 24.90 8.39
N GLU A 167 9.50 24.50 8.17
CA GLU A 167 10.56 25.50 7.95
C GLU A 167 10.26 26.39 6.76
N ALA A 168 9.97 25.78 5.62
CA ALA A 168 9.72 26.53 4.38
C ALA A 168 8.59 27.56 4.48
N VAL A 169 7.46 27.17 5.08
CA VAL A 169 6.27 28.02 5.14
C VAL A 169 6.40 29.07 6.27
N THR A 170 7.17 28.75 7.32
CA THR A 170 7.47 29.75 8.37
C THR A 170 8.42 30.83 7.83
N LEU A 171 9.38 30.42 7.01
CA LEU A 171 10.24 31.41 6.32
C LEU A 171 9.47 32.25 5.29
N ASN A 172 8.61 31.59 4.51
CA ASN A 172 7.76 32.26 3.49
C ASN A 172 6.29 31.87 3.65
N PRO A 173 5.49 32.67 4.38
CA PRO A 173 4.03 32.41 4.54
C PRO A 173 3.20 32.35 3.25
N HIS A 174 3.76 32.87 2.16
CA HIS A 174 3.19 32.78 0.82
C HIS A 174 3.62 31.57 -0.03
N ALA A 175 4.29 30.58 0.59
CA ALA A 175 4.59 29.31 -0.07
C ALA A 175 3.40 28.32 0.02
N LEU A 176 3.11 27.65 -1.11
CA LEU A 176 2.14 26.55 -1.18
C LEU A 176 2.87 25.22 -1.11
N VAL A 177 2.30 24.27 -0.37
CA VAL A 177 2.82 22.89 -0.33
C VAL A 177 1.94 22.02 -1.21
N VAL A 178 2.57 21.23 -2.05
CA VAL A 178 1.85 20.26 -2.93
C VAL A 178 2.37 18.83 -2.73
N CYS A 179 1.46 17.86 -2.64
N CYS A 179 1.47 17.86 -2.57
CA CYS A 179 1.81 16.44 -2.51
CA CYS A 179 1.82 16.44 -2.51
C CYS A 179 1.17 15.59 -3.60
C CYS A 179 1.24 15.75 -3.74
N GLY A 180 1.98 14.78 -4.27
CA GLY A 180 1.50 13.89 -5.33
C GLY A 180 0.86 12.61 -4.82
N THR A 181 -0.14 12.11 -5.57
CA THR A 181 -0.81 10.83 -5.26
C THR A 181 -1.32 10.16 -6.57
N TYR A 182 -1.34 8.83 -6.60
CA TYR A 182 -2.03 8.11 -7.72
C TYR A 182 -2.85 6.89 -7.32
N SER A 183 -2.94 6.65 -6.03
CA SER A 183 -3.70 5.54 -5.51
C SER A 183 -3.90 5.80 -4.02
N ILE A 184 -4.67 4.95 -3.37
CA ILE A 184 -4.72 5.02 -1.93
C ILE A 184 -3.38 4.53 -1.36
N GLY A 185 -3.16 4.81 -0.09
CA GLY A 185 -1.86 4.63 0.57
C GLY A 185 -1.08 5.92 0.75
N LYS A 186 -0.20 5.92 1.76
CA LYS A 186 0.72 7.03 2.01
C LYS A 186 0.03 8.34 2.46
N GLU A 187 -1.21 8.21 2.95
CA GLU A 187 -1.99 9.37 3.41
C GLU A 187 -1.29 10.15 4.53
N LYS A 188 -0.49 9.46 5.38
CA LYS A 188 0.22 10.14 6.47
C LYS A 188 1.09 11.29 5.97
N VAL A 189 1.63 11.19 4.76
CA VAL A 189 2.52 12.23 4.24
C VAL A 189 1.79 13.58 4.21
N PHE A 190 0.66 13.64 3.49
CA PHE A 190 -0.07 14.88 3.38
C PHE A 190 -0.85 15.25 4.66
N LEU A 191 -1.32 14.26 5.42
CA LEU A 191 -2.05 14.58 6.67
C LEU A 191 -1.11 15.17 7.73
N ALA A 192 0.09 14.60 7.87
CA ALA A 192 1.06 15.13 8.85
C ALA A 192 1.55 16.53 8.51
N ILE A 193 1.75 16.80 7.22
CA ILE A 193 2.19 18.16 6.79
C ILE A 193 1.06 19.19 7.07
N ALA A 194 -0.19 18.88 6.67
CA ALA A 194 -1.31 19.80 6.94
C ALA A 194 -1.50 20.09 8.44
N ASP A 195 -1.33 19.04 9.24
CA ASP A 195 -1.45 19.17 10.70
C ASP A 195 -0.42 20.14 11.30
N VAL A 196 0.86 20.04 10.89
CA VAL A 196 1.88 20.98 11.38
C VAL A 196 1.64 22.43 10.91
N LEU A 197 1.01 22.59 9.74
CA LEU A 197 0.75 23.92 9.18
C LEU A 197 -0.60 24.52 9.60
N GLY A 198 -1.43 23.76 10.31
CA GLY A 198 -2.77 24.25 10.71
C GLY A 198 -3.74 24.48 9.55
N SER A 199 -3.64 23.61 8.55
CA SER A 199 -4.44 23.70 7.33
C SER A 199 -5.19 22.39 7.11
N LYS A 200 -6.30 22.46 6.38
CA LYS A 200 -6.88 21.25 5.77
C LYS A 200 -6.15 20.95 4.46
N VAL A 201 -6.23 19.70 4.00
CA VAL A 201 -5.70 19.30 2.70
C VAL A 201 -6.77 19.45 1.60
N GLY A 202 -6.48 20.24 0.58
CA GLY A 202 -7.38 20.50 -0.54
C GLY A 202 -7.14 19.55 -1.71
N MET A 203 -8.22 19.08 -2.34
CA MET A 203 -8.11 18.05 -3.37
C MET A 203 -9.35 18.02 -4.28
N SER A 204 -9.26 17.30 -5.40
CA SER A 204 -10.40 17.07 -6.30
C SER A 204 -11.59 16.37 -5.60
N GLN A 205 -12.77 16.56 -6.14
CA GLN A 205 -13.96 15.82 -5.67
C GLN A 205 -13.76 14.29 -5.69
N GLU A 206 -13.12 13.79 -6.75
CA GLU A 206 -12.90 12.35 -6.93
C GLU A 206 -11.97 11.79 -5.83
N LYS A 207 -10.86 12.49 -5.55
CA LYS A 207 -9.96 12.09 -4.47
C LYS A 207 -10.61 12.22 -3.06
N TYR A 208 -11.40 13.29 -2.85
CA TYR A 208 -12.16 13.48 -1.59
C TYR A 208 -13.09 12.28 -1.35
N LYS A 209 -13.81 11.87 -2.41
CA LYS A 209 -14.72 10.71 -2.37
C LYS A 209 -13.98 9.45 -1.92
N THR A 210 -12.83 9.19 -2.54
CA THR A 210 -11.99 8.04 -2.18
C THR A 210 -11.62 8.08 -0.69
N LEU A 211 -11.11 9.21 -0.23
CA LEU A 211 -10.71 9.32 1.18
C LEU A 211 -11.88 9.16 2.16
N GLN A 212 -13.06 9.63 1.79
CA GLN A 212 -14.27 9.43 2.63
C GLN A 212 -14.67 7.94 2.83
N CYS A 213 -14.20 7.03 1.99
CA CYS A 213 -14.42 5.57 2.12
C CYS A 213 -13.50 4.83 3.12
N LEU A 214 -12.49 5.51 3.68
CA LEU A 214 -11.40 4.84 4.44
C LEU A 214 -11.47 4.72 6.00
N ASN A 215 -12.59 5.11 6.61
CA ASN A 215 -12.74 5.07 8.10
C ASN A 215 -11.59 5.73 8.91
N ILE A 216 -11.01 6.80 8.38
CA ILE A 216 -9.95 7.52 9.10
C ILE A 216 -10.65 8.43 10.11
N PRO A 217 -10.31 8.30 11.42
CA PRO A 217 -10.89 9.15 12.48
C PRO A 217 -10.76 10.64 12.20
N GLU A 218 -11.84 11.38 12.47
CA GLU A 218 -11.92 12.85 12.33
C GLU A 218 -11.51 13.39 10.95
N ILE A 219 -11.74 12.59 9.90
CA ILE A 219 -11.36 12.97 8.53
C ILE A 219 -12.04 14.27 8.05
N ASN A 220 -13.31 14.48 8.39
CA ASN A 220 -13.97 15.75 8.00
C ASN A 220 -13.20 16.99 8.52
N SER A 221 -12.48 16.83 9.63
CA SER A 221 -11.63 17.88 10.18
C SER A 221 -10.32 18.12 9.39
N LEU A 222 -9.92 17.18 8.52
CA LEU A 222 -8.58 17.23 7.89
C LEU A 222 -8.52 17.46 6.37
N ILE A 223 -9.60 17.16 5.65
CA ILE A 223 -9.63 17.27 4.18
C ILE A 223 -10.77 18.14 3.68
N THR A 224 -10.62 18.68 2.46
CA THR A 224 -11.63 19.57 1.86
C THR A 224 -11.52 19.61 0.32
N THR A 225 -12.63 19.96 -0.33
CA THR A 225 -12.64 20.28 -1.77
C THR A 225 -12.51 21.79 -2.04
N ASP A 226 -12.55 22.61 -0.98
CA ASP A 226 -12.34 24.07 -1.11
C ASP A 226 -10.83 24.36 -1.17
N MET A 227 -10.31 24.42 -2.39
CA MET A 227 -8.88 24.65 -2.65
C MET A 227 -8.41 26.01 -2.10
N CYS A 228 -9.26 27.03 -2.21
CA CYS A 228 -8.94 28.39 -1.75
C CYS A 228 -8.68 28.51 -0.26
N SER A 229 -9.29 27.63 0.54
CA SER A 229 -9.11 27.62 2.00
C SER A 229 -7.87 26.86 2.50
N SER A 230 -7.20 26.13 1.62
CA SER A 230 -6.12 25.18 1.95
C SER A 230 -4.75 25.67 1.46
N LEU A 231 -3.68 25.49 2.24
CA LEU A 231 -2.30 25.71 1.72
C LEU A 231 -1.49 24.42 1.60
N VAL A 232 -2.19 23.27 1.68
CA VAL A 232 -1.64 21.98 1.26
C VAL A 232 -2.57 21.39 0.21
N HIS A 233 -2.09 21.24 -1.03
CA HIS A 233 -2.92 20.71 -2.13
C HIS A 233 -2.44 19.33 -2.58
N LEU A 234 -3.37 18.45 -2.93
CA LEU A 234 -3.04 17.17 -3.55
C LEU A 234 -3.28 17.20 -5.02
N LEU A 235 -2.32 16.69 -5.78
CA LEU A 235 -2.44 16.57 -7.23
C LEU A 235 -2.04 15.16 -7.67
N PRO A 236 -2.48 14.74 -8.86
CA PRO A 236 -1.98 13.50 -9.46
C PRO A 236 -0.47 13.50 -9.55
N MET A 237 0.13 12.33 -9.34
CA MET A 237 1.58 12.18 -9.34
C MET A 237 2.22 12.67 -10.64
N MET A 238 1.54 12.42 -11.76
CA MET A 238 1.97 12.87 -13.08
C MET A 238 2.18 14.37 -13.24
N GLN A 239 1.48 15.18 -12.42
CA GLN A 239 1.60 16.63 -12.45
C GLN A 239 2.77 17.16 -11.57
N ILE A 240 3.44 16.29 -10.80
CA ILE A 240 4.51 16.74 -9.92
C ILE A 240 5.82 16.83 -10.71
N ASN A 241 5.90 17.90 -11.50
CA ASN A 241 7.08 18.23 -12.33
C ASN A 241 7.09 19.76 -12.51
N PHE A 242 8.18 20.33 -13.01
CA PHE A 242 8.27 21.80 -13.11
C PHE A 242 7.15 22.44 -13.96
N LYS A 243 6.84 21.84 -15.11
CA LYS A 243 5.78 22.35 -15.97
C LYS A 243 4.40 22.29 -15.29
N GLY A 244 4.10 21.14 -14.69
CA GLY A 244 2.79 20.93 -14.10
C GLY A 244 2.55 21.80 -12.89
N LEU A 245 3.62 22.04 -12.13
CA LEU A 245 3.52 22.86 -10.91
C LEU A 245 3.45 24.35 -11.24
N GLN A 246 4.22 24.80 -12.25
CA GLN A 246 4.11 26.17 -12.79
C GLN A 246 2.68 26.49 -13.23
N SER A 247 2.05 25.53 -13.92
CA SER A 247 0.67 25.63 -14.36
C SER A 247 -0.29 25.75 -13.19
N HIS A 248 -0.11 24.91 -12.18
CA HIS A 248 -0.92 24.97 -10.98
C HIS A 248 -0.83 26.31 -10.25
N LEU A 249 0.40 26.82 -10.11
CA LEU A 249 0.65 28.09 -9.42
C LEU A 249 -0.09 29.23 -10.10
N LYS A 250 -0.12 29.23 -11.44
CA LYS A 250 -0.90 30.21 -12.21
C LYS A 250 -2.37 30.22 -11.79
N LYS A 251 -2.97 29.05 -11.60
CA LYS A 251 -4.38 28.94 -11.22
C LYS A 251 -4.73 29.46 -9.82
N CYS A 252 -3.75 29.64 -8.94
CA CYS A 252 -4.00 30.06 -7.56
C CYS A 252 -4.19 31.58 -7.36
N GLY A 253 -4.15 32.34 -8.45
CA GLY A 253 -4.60 33.74 -8.43
C GLY A 253 -3.74 34.73 -7.66
N GLY A 254 -2.42 34.50 -7.66
CA GLY A 254 -1.49 35.35 -6.91
C GLY A 254 -1.56 35.27 -5.40
N LYS A 255 -2.13 34.19 -4.87
CA LYS A 255 -2.14 33.92 -3.42
C LYS A 255 -0.75 33.45 -2.95
N TYR A 256 -0.01 32.80 -3.86
CA TYR A 256 1.27 32.15 -3.54
C TYR A 256 2.37 32.56 -4.53
N ASN A 257 3.62 32.54 -4.07
CA ASN A 257 4.78 32.94 -4.91
C ASN A 257 5.95 31.90 -4.91
N GLN A 258 5.67 30.71 -4.38
CA GLN A 258 6.62 29.61 -4.22
C GLN A 258 5.83 28.29 -4.05
N ILE A 259 6.38 27.18 -4.61
CA ILE A 259 5.86 25.83 -4.37
C ILE A 259 6.95 24.94 -3.81
N LEU A 260 6.62 24.26 -2.72
CA LEU A 260 7.40 23.15 -2.18
C LEU A 260 6.57 21.89 -2.45
N ALA A 261 7.10 20.94 -3.25
CA ALA A 261 6.32 19.75 -3.59
C ALA A 261 7.00 18.46 -3.13
N PHE A 262 6.19 17.45 -2.79
CA PHE A 262 6.68 16.12 -2.36
C PHE A 262 6.18 15.00 -3.28
N ARG A 263 7.11 14.10 -3.70
CA ARG A 263 6.80 12.87 -4.48
C ARG A 263 7.14 11.68 -3.59
N PRO A 264 6.13 11.04 -2.94
CA PRO A 264 6.41 9.87 -2.10
C PRO A 264 6.53 8.60 -2.93
N THR A 265 7.73 8.36 -3.42
CA THR A 265 8.07 7.17 -4.19
C THR A 265 8.21 5.97 -3.25
N GLY A 266 8.53 4.81 -3.82
CA GLY A 266 9.11 3.71 -3.04
C GLY A 266 10.63 3.89 -3.05
N TRP A 267 11.34 2.78 -3.09
CA TRP A 267 12.79 2.81 -3.29
C TRP A 267 13.16 3.49 -4.61
N THR A 268 14.26 4.26 -4.58
CA THR A 268 14.95 4.73 -5.79
C THR A 268 16.46 4.54 -5.58
N HIS A 269 17.23 4.54 -6.67
CA HIS A 269 18.69 4.30 -6.61
C HIS A 269 19.48 5.19 -5.61
N SER A 270 19.03 6.43 -5.42
CA SER A 270 19.66 7.31 -4.40
C SER A 270 19.58 6.83 -2.93
N ASN A 271 18.78 5.81 -2.62
CA ASN A 271 18.82 5.11 -1.30
C ASN A 271 20.13 4.37 -1.04
N LYS A 272 20.77 3.89 -2.11
CA LYS A 272 22.09 3.23 -2.02
C LYS A 272 23.24 4.16 -1.62
N PHE A 273 23.05 5.48 -1.82
CA PHE A 273 24.08 6.49 -1.50
C PHE A 273 23.76 7.36 -0.29
N THR A 274 22.52 7.88 -0.23
CA THR A 274 22.17 8.98 0.68
C THR A 274 21.30 8.53 1.86
N ARG A 275 21.46 9.22 3.00
CA ARG A 275 20.61 9.08 4.19
C ARG A 275 19.48 10.10 4.14
N ILE A 276 18.37 9.83 4.83
CA ILE A 276 17.17 10.70 4.76
C ILE A 276 17.47 12.13 5.18
N ALA A 277 18.25 12.28 6.26
CA ALA A 277 18.64 13.61 6.75
C ALA A 277 19.33 14.47 5.68
N ASP A 278 20.11 13.82 4.81
CA ASP A 278 20.89 14.51 3.77
C ASP A 278 20.14 14.79 2.45
N VAL A 279 18.88 14.36 2.33
CA VAL A 279 18.10 14.50 1.07
C VAL A 279 17.89 15.97 0.69
N ILE A 280 18.03 16.25 -0.61
CA ILE A 280 17.90 17.60 -1.15
C ILE A 280 16.93 17.58 -2.33
N PRO A 281 16.31 18.73 -2.64
CA PRO A 281 15.35 18.79 -3.75
C PRO A 281 15.97 19.10 -5.11
N GLN A 282 15.17 18.92 -6.15
CA GLN A 282 15.48 19.48 -7.47
C GLN A 282 14.75 20.82 -7.53
N THR A 283 15.45 21.88 -7.92
CA THR A 283 14.89 23.24 -7.89
C THR A 283 15.04 23.94 -9.24
N LYS A 284 14.00 24.71 -9.60
CA LYS A 284 14.00 25.58 -10.80
C LYS A 284 13.17 26.81 -10.45
N GLY A 285 13.84 27.96 -10.34
CA GLY A 285 13.16 29.20 -9.95
C GLY A 285 12.52 29.07 -8.58
N ASN A 286 11.23 29.40 -8.50
CA ASN A 286 10.47 29.36 -7.23
C ASN A 286 9.76 28.01 -6.94
N ILE A 287 10.21 26.92 -7.58
CA ILE A 287 9.67 25.58 -7.35
C ILE A 287 10.77 24.59 -6.93
N SER A 288 10.53 23.87 -5.83
CA SER A 288 11.38 22.76 -5.40
C SER A 288 10.54 21.49 -5.25
N ILE A 289 11.15 20.36 -5.64
CA ILE A 289 10.52 19.01 -5.58
C ILE A 289 11.42 18.03 -4.82
N TYR A 290 10.87 17.49 -3.72
CA TYR A 290 11.54 16.45 -2.94
C TYR A 290 10.98 15.07 -3.24
N GLY A 291 11.85 14.13 -3.58
CA GLY A 291 11.47 12.71 -3.64
C GLY A 291 11.79 12.11 -2.30
N ILE A 292 10.78 11.55 -1.63
CA ILE A 292 10.98 10.96 -0.29
C ILE A 292 10.62 9.46 -0.31
N PRO A 293 11.49 8.61 0.28
CA PRO A 293 11.31 7.14 0.15
C PRO A 293 10.34 6.59 1.18
N TYR A 294 9.07 6.94 1.04
CA TYR A 294 8.00 6.45 1.91
C TYR A 294 7.50 5.11 1.31
N SER A 295 7.94 3.98 1.87
CA SER A 295 7.54 2.66 1.35
C SER A 295 6.39 2.05 2.14
N GLU A 296 5.43 1.45 1.41
CA GLU A 296 4.42 0.54 1.98
C GLU A 296 4.66 -0.95 1.65
N HIS A 297 5.90 -1.28 1.28
CA HIS A 297 6.36 -2.66 1.11
C HIS A 297 7.58 -2.93 2.01
N SER A 298 7.75 -4.21 2.41
CA SER A 298 8.91 -4.61 3.23
C SER A 298 10.24 -4.23 2.61
N SER A 299 11.16 -3.71 3.40
CA SER A 299 12.57 -3.74 2.99
C SER A 299 13.07 -5.21 2.96
N TYR A 300 14.23 -5.45 2.34
CA TYR A 300 14.84 -6.78 2.37
C TYR A 300 15.00 -7.30 3.81
N LEU A 301 15.56 -6.46 4.70
CA LEU A 301 15.77 -6.92 6.10
C LEU A 301 14.46 -7.21 6.86
N GLU A 302 13.44 -6.37 6.67
CA GLU A 302 12.10 -6.59 7.27
C GLU A 302 11.47 -7.92 6.80
N MET A 303 11.55 -8.15 5.49
CA MET A 303 11.05 -9.41 4.88
C MET A 303 11.77 -10.64 5.45
N LYS A 304 13.11 -10.58 5.44
CA LYS A 304 13.94 -11.64 6.01
C LYS A 304 13.58 -11.98 7.47
N ARG A 305 13.46 -10.95 8.29
CA ARG A 305 13.11 -11.16 9.72
C ARG A 305 11.74 -11.86 9.87
N PHE A 306 10.73 -11.38 9.14
CA PHE A 306 9.41 -12.01 9.16
C PHE A 306 9.44 -13.50 8.80
N VAL A 307 10.07 -13.82 7.67
CA VAL A 307 10.10 -15.20 7.19
C VAL A 307 10.90 -16.09 8.12
N GLN A 308 12.03 -15.60 8.64
CA GLN A 308 12.84 -16.42 9.60
C GLN A 308 12.12 -16.66 10.94
N TRP A 309 11.27 -15.71 11.34
CA TRP A 309 10.41 -15.88 12.51
C TRP A 309 9.29 -16.91 12.24
N LEU A 310 8.63 -16.79 11.10
CA LEU A 310 7.47 -17.64 10.74
C LEU A 310 7.86 -19.12 10.45
N LYS A 311 9.02 -19.32 9.82
CA LYS A 311 9.56 -20.66 9.47
C LYS A 311 8.62 -21.51 8.60
N PRO A 312 8.18 -20.96 7.44
CA PRO A 312 7.27 -21.69 6.58
C PRO A 312 7.95 -22.88 5.94
N GLN A 313 7.20 -23.93 5.63
CA GLN A 313 7.78 -25.11 4.95
C GLN A 313 8.06 -24.86 3.47
N LYS A 314 7.20 -24.06 2.81
CA LYS A 314 7.32 -23.73 1.37
C LYS A 314 6.97 -22.26 1.16
N ILE A 315 7.75 -21.56 0.33
CA ILE A 315 7.46 -20.17 -0.06
C ILE A 315 7.12 -20.09 -1.56
N ILE A 316 6.03 -19.39 -1.86
CA ILE A 316 5.58 -19.12 -3.22
C ILE A 316 5.61 -17.59 -3.41
N PRO A 317 6.61 -17.06 -4.16
CA PRO A 317 6.63 -15.62 -4.44
C PRO A 317 5.45 -15.17 -5.31
N THR A 318 4.94 -13.95 -5.04
CA THR A 318 3.83 -13.36 -5.84
C THR A 318 4.23 -12.11 -6.67
N VAL A 319 5.48 -11.67 -6.53
CA VAL A 319 6.03 -10.49 -7.20
C VAL A 319 7.42 -10.83 -7.79
N ASN A 320 7.72 -10.25 -8.96
CA ASN A 320 8.98 -10.47 -9.68
C ASN A 320 9.09 -11.92 -10.19
N VAL A 321 7.94 -12.50 -10.53
CA VAL A 321 7.89 -13.90 -10.95
C VAL A 321 8.09 -14.11 -12.45
N GLY A 322 8.22 -13.03 -13.22
CA GLY A 322 8.22 -13.12 -14.67
C GLY A 322 9.54 -13.43 -15.36
N THR A 323 10.67 -13.33 -14.64
CA THR A 323 11.99 -13.61 -15.22
C THR A 323 12.72 -14.73 -14.48
N TRP A 324 13.48 -15.54 -15.22
CA TRP A 324 14.24 -16.62 -14.60
C TRP A 324 15.31 -16.09 -13.65
N LYS A 325 15.97 -14.99 -14.04
CA LYS A 325 16.97 -14.33 -13.17
C LYS A 325 16.36 -13.91 -11.82
N SER A 326 15.18 -13.26 -11.84
CA SER A 326 14.52 -12.89 -10.57
C SER A 326 14.13 -14.11 -9.74
N ARG A 327 13.54 -15.10 -10.39
CA ARG A 327 13.08 -16.30 -9.67
C ARG A 327 14.29 -17.01 -9.04
N SER A 328 15.40 -17.14 -9.76
CA SER A 328 16.61 -17.81 -9.24
C SER A 328 17.22 -17.05 -8.04
N THR A 329 17.30 -15.73 -8.18
CA THR A 329 17.77 -14.84 -7.09
C THR A 329 16.93 -15.02 -5.79
N MET A 330 15.61 -14.96 -5.92
CA MET A 330 14.73 -15.10 -4.75
C MET A 330 14.88 -16.47 -4.08
N GLU A 331 14.92 -17.54 -4.89
N GLU A 331 14.92 -17.55 -4.88
CA GLU A 331 15.10 -18.91 -4.39
CA GLU A 331 15.09 -18.90 -4.32
C GLU A 331 16.43 -19.07 -3.61
C GLU A 331 16.42 -19.04 -3.57
N LYS A 332 17.50 -18.46 -4.10
CA LYS A 332 18.79 -18.45 -3.39
C LYS A 332 18.72 -17.74 -2.03
N TYR A 333 17.97 -16.63 -1.93
CA TYR A 333 17.79 -15.96 -0.61
C TYR A 333 16.95 -16.79 0.33
N PHE A 334 15.89 -17.40 -0.16
CA PHE A 334 15.05 -18.21 0.72
C PHE A 334 15.87 -19.36 1.34
N ARG A 335 16.72 -19.99 0.54
CA ARG A 335 17.62 -21.07 1.07
C ARG A 335 18.63 -20.54 2.08
N GLU A 336 19.24 -19.39 1.78
N GLU A 336 19.22 -19.37 1.80
CA GLU A 336 20.13 -18.74 2.75
CA GLU A 336 20.13 -18.74 2.74
C GLU A 336 19.39 -18.57 4.08
C GLU A 336 19.45 -18.43 4.09
N TRP A 337 18.19 -17.98 4.03
CA TRP A 337 17.44 -17.67 5.26
C TRP A 337 17.15 -18.91 6.10
N LYS A 338 16.75 -19.98 5.42
CA LYS A 338 16.46 -21.28 6.05
C LYS A 338 17.70 -21.88 6.74
N LEU A 339 18.84 -21.86 6.03
CA LEU A 339 20.11 -22.41 6.58
C LEU A 339 20.62 -21.60 7.79
N GLU A 340 20.52 -20.26 7.71
CA GLU A 340 20.98 -19.41 8.79
C GLU A 340 20.14 -19.66 10.08
N ALA A 341 18.81 -19.74 9.91
CA ALA A 341 17.88 -19.86 11.03
C ALA A 341 17.63 -21.32 11.48
N GLY A 342 17.96 -22.31 10.65
CA GLY A 342 17.91 -23.72 11.06
C GLY A 342 16.61 -24.49 10.86
N TYR A 343 15.65 -23.92 10.12
CA TYR A 343 14.38 -24.60 9.81
C TYR A 343 14.50 -25.34 8.49
#